data_3T1D
#
_entry.id   3T1D
#
_cell.length_a   114.749
_cell.length_b   114.749
_cell.length_c   119.065
_cell.angle_alpha   90.000
_cell.angle_beta   90.000
_cell.angle_gamma   90.000
#
_symmetry.space_group_name_H-M   'P 41 21 2'
#
loop_
_entity.id
_entity.type
_entity.pdbx_description
1 polymer 'Neutrophil gelatinase-associated lipocalin'
2 non-polymer GLYCEROL
3 non-polymer 'CHLORIDE ION'
4 non-polymer O-[(2S)-2-amino-3-hydroxypropanoyl]-N-(2,3-dihydroxybenzoyl)-L-serine
5 non-polymer 'UNKNOWN LIGAND'
6 non-polymer '2-(2,3-DIHYDROXY-BENZOYLAMINO)-3-HYDROXY-PROPIONIC ACID'
7 non-polymer '2,3-DIHYDROXY-BENZOIC ACID'
8 water water
#
_entity_poly.entity_id   1
_entity_poly.type   'polypeptide(L)'
_entity_poly.pdbx_seq_one_letter_code
;MPLGLLWLGLALLGALHAQAQDSTSDLIPAPPLSKVPLQQNFQDNQFQGKWYVVGLAGNAILREDKDPQKMYATIYELKE
DKSYNVTSVLFRKKKCDYAIATFVPGSQPGEFTLGNIKSYPGLTSFLVRVVSTNYNQHAMVFFKKVSQNREYFKITLYGR
TKELTSELKENFIRFSKSLGLPENHIVFPVPIDQCIDG
;
_entity_poly.pdbx_strand_id   A,B,C
#
# COMPACT_ATOMS: atom_id res chain seq x y z
N SER A 23 3.46 7.27 -16.62
CA SER A 23 2.80 7.38 -15.26
C SER A 23 3.00 6.09 -14.46
N THR A 24 2.79 4.95 -15.14
CA THR A 24 2.95 3.60 -14.57
C THR A 24 4.19 2.83 -15.09
N SER A 25 4.87 3.36 -16.10
CA SER A 25 5.84 2.58 -16.90
C SER A 25 7.18 2.30 -16.20
N ASP A 26 7.92 1.32 -16.73
CA ASP A 26 9.23 0.95 -16.20
C ASP A 26 10.23 2.08 -16.46
N LEU A 27 11.24 2.23 -15.61
CA LEU A 27 12.18 3.34 -15.76
C LEU A 27 13.62 2.82 -15.85
N ILE A 28 14.44 3.46 -16.68
CA ILE A 28 15.89 3.24 -16.64
C ILE A 28 16.35 3.66 -15.25
N PRO A 29 17.17 2.84 -14.56
CA PRO A 29 17.52 3.12 -13.17
C PRO A 29 18.39 4.36 -13.02
N ALA A 30 18.24 5.06 -11.90
CA ALA A 30 19.15 6.13 -11.55
C ALA A 30 20.52 5.53 -11.44
N PRO A 31 21.56 6.22 -11.90
CA PRO A 31 22.93 5.73 -11.76
C PRO A 31 23.41 5.84 -10.31
N PRO A 32 24.35 4.98 -9.89
CA PRO A 32 24.96 5.29 -8.59
C PRO A 32 25.63 6.68 -8.61
N LEU A 33 25.56 7.38 -7.49
CA LEU A 33 26.10 8.75 -7.44
C LEU A 33 27.60 8.79 -7.72
N SER A 34 28.27 7.64 -7.57
CA SER A 34 29.69 7.54 -7.90
C SER A 34 30.00 7.77 -9.36
N LYS A 35 28.99 7.70 -10.24
CA LYS A 35 29.16 8.00 -11.68
C LYS A 35 28.81 9.43 -12.04
N VAL A 36 28.44 10.23 -11.05
CA VAL A 36 28.04 11.62 -11.27
C VAL A 36 29.03 12.57 -10.59
N PRO A 37 29.97 13.13 -11.36
CA PRO A 37 30.95 13.98 -10.70
C PRO A 37 30.33 15.24 -10.11
N LEU A 38 31.03 15.84 -9.17
CA LEU A 38 30.65 17.08 -8.56
C LEU A 38 31.68 18.14 -8.92
N GLN A 39 31.22 19.29 -9.40
CA GLN A 39 32.10 20.41 -9.71
C GLN A 39 32.94 20.74 -8.50
N GLN A 40 34.26 20.72 -8.71
CA GLN A 40 35.23 21.07 -7.68
C GLN A 40 35.15 22.57 -7.32
N ASN A 41 35.11 22.85 -6.01
CA ASN A 41 35.15 24.20 -5.44
C ASN A 41 34.07 25.07 -6.05
N PHE A 42 32.83 24.62 -5.98
CA PHE A 42 31.70 25.29 -6.56
C PHE A 42 31.56 26.67 -6.01
N GLN A 43 31.32 27.63 -6.91
CA GLN A 43 31.19 29.02 -6.59
C GLN A 43 29.76 29.51 -6.80
N ASP A 44 29.01 29.58 -5.69
CA ASP A 44 27.59 29.83 -5.79
C ASP A 44 27.30 31.20 -6.43
N ASN A 45 28.16 32.18 -6.16
CA ASN A 45 27.97 33.52 -6.67
C ASN A 45 28.14 33.55 -8.19
N GLN A 46 29.06 32.75 -8.71
CA GLN A 46 29.35 32.76 -10.15
C GLN A 46 28.32 31.96 -10.95
N PHE A 47 27.60 31.06 -10.28
CA PHE A 47 26.62 30.21 -10.93
C PHE A 47 25.27 30.89 -11.15
N GLN A 48 25.04 31.99 -10.42
CA GLN A 48 23.78 32.72 -10.43
C GLN A 48 23.44 33.21 -11.77
N GLY A 49 22.19 33.62 -11.92
CA GLY A 49 21.72 34.30 -13.12
C GLY A 49 20.91 33.37 -14.00
N LYS A 50 20.73 33.78 -15.25
CA LYS A 50 19.91 33.03 -16.19
C LYS A 50 20.75 31.99 -16.93
N TRP A 51 20.18 30.78 -17.03
CA TRP A 51 20.70 29.72 -17.87
C TRP A 51 19.59 29.22 -18.78
N TYR A 52 19.95 28.99 -20.03
CA TYR A 52 19.03 28.40 -20.99
C TYR A 52 19.25 26.90 -21.04
N VAL A 53 18.18 26.14 -21.20
CA VAL A 53 18.33 24.71 -21.33
C VAL A 53 18.56 24.28 -22.78
N VAL A 54 19.82 24.12 -23.12
CA VAL A 54 20.25 23.76 -24.45
C VAL A 54 20.26 22.24 -24.73
N GLY A 55 20.34 21.44 -23.68
CA GLY A 55 20.17 20.00 -23.79
C GLY A 55 19.51 19.42 -22.54
N LEU A 56 18.83 18.30 -22.71
CA LEU A 56 18.06 17.70 -21.64
C LEU A 56 18.10 16.19 -21.89
N ALA A 57 18.46 15.41 -20.87
CA ALA A 57 18.43 13.94 -20.92
C ALA A 57 17.89 13.42 -19.59
N GLY A 58 17.20 12.30 -19.61
CA GLY A 58 16.72 11.71 -18.38
C GLY A 58 15.86 10.52 -18.65
N ASN A 59 15.56 9.78 -17.59
CA ASN A 59 14.75 8.58 -17.74
C ASN A 59 13.28 8.80 -17.98
N ALA A 60 12.74 10.01 -17.74
CA ALA A 60 11.37 10.37 -18.18
C ALA A 60 11.38 11.31 -19.40
N ILE A 61 12.55 11.54 -19.99
CA ILE A 61 12.65 12.42 -21.16
C ILE A 61 12.66 11.56 -22.42
N LEU A 62 11.75 11.87 -23.33
CA LEU A 62 11.64 11.11 -24.60
C LEU A 62 11.71 12.05 -25.78
N ARG A 63 12.47 11.70 -26.79
CA ARG A 63 12.54 12.51 -28.00
C ARG A 63 11.19 12.48 -28.75
N GLU A 64 10.75 13.64 -29.22
CA GLU A 64 9.43 13.78 -29.87
C GLU A 64 9.57 14.53 -31.21
N ASP A 65 9.78 13.79 -32.30
CA ASP A 65 9.91 14.41 -33.62
C ASP A 65 8.63 15.15 -34.02
N LYS A 66 7.48 14.63 -33.61
CA LYS A 66 6.21 15.23 -33.96
C LYS A 66 6.00 16.57 -33.26
N ASP A 67 6.55 16.75 -32.06
CA ASP A 67 6.33 17.98 -31.29
C ASP A 67 7.54 18.33 -30.37
N PRO A 68 8.66 18.76 -30.98
CA PRO A 68 9.96 18.90 -30.30
C PRO A 68 9.94 19.78 -29.05
N GLN A 69 10.61 19.33 -27.99
CA GLN A 69 10.78 20.13 -26.78
C GLN A 69 11.28 21.54 -27.17
N LYS A 70 10.63 22.55 -26.61
CA LYS A 70 11.07 23.93 -26.80
C LYS A 70 12.02 24.32 -25.68
N MET A 71 12.99 25.14 -26.01
CA MET A 71 13.89 25.71 -25.03
C MET A 71 13.13 26.46 -23.92
N TYR A 72 13.59 26.29 -22.69
CA TYR A 72 13.14 27.07 -21.54
C TYR A 72 14.38 27.56 -20.81
N ALA A 73 14.18 28.40 -19.81
CA ALA A 73 15.26 29.01 -19.06
C ALA A 73 15.02 28.80 -17.57
N THR A 74 16.10 28.72 -16.83
CA THR A 74 16.07 28.64 -15.38
C THR A 74 16.98 29.73 -14.82
N ILE A 75 16.44 30.52 -13.90
CA ILE A 75 17.13 31.63 -13.30
C ILE A 75 17.40 31.30 -11.82
N TYR A 76 18.66 31.45 -11.42
CA TYR A 76 19.09 31.14 -10.06
C TYR A 76 19.47 32.43 -9.40
N GLU A 77 18.76 32.81 -8.35
CA GLU A 77 19.09 34.01 -7.64
C GLU A 77 19.59 33.61 -6.26
N LEU A 78 20.83 33.96 -5.94
CA LEU A 78 21.41 33.65 -4.65
C LEU A 78 20.85 34.59 -3.59
N LYS A 79 20.27 34.02 -2.54
CA LYS A 79 19.75 34.79 -1.42
C LYS A 79 20.82 34.97 -0.34
N GLU A 80 20.63 35.96 0.53
CA GLU A 80 21.57 36.25 1.62
C GLU A 80 21.80 35.03 2.49
N ASP A 81 20.77 34.20 2.66
CA ASP A 81 20.92 32.97 3.45
C ASP A 81 21.59 31.82 2.68
N LYS A 82 22.01 32.06 1.44
CA LYS A 82 22.86 31.13 0.65
C LYS A 82 22.09 30.07 -0.12
N SER A 83 20.77 30.07 0.00
CA SER A 83 19.93 29.23 -0.83
CA SER A 83 19.92 29.23 -0.84
C SER A 83 19.67 29.97 -2.13
N TYR A 84 19.17 29.26 -3.14
CA TYR A 84 18.77 29.89 -4.40
C TYR A 84 17.24 29.90 -4.50
N ASN A 85 16.68 31.05 -4.90
CA ASN A 85 15.32 31.11 -5.45
C ASN A 85 15.49 30.75 -6.91
N VAL A 86 14.81 29.71 -7.35
CA VAL A 86 15.00 29.18 -8.68
C VAL A 86 13.69 29.37 -9.43
N THR A 87 13.77 30.00 -10.61
CA THR A 87 12.59 30.24 -11.45
C THR A 87 12.80 29.64 -12.84
N SER A 88 12.00 28.64 -13.18
CA SER A 88 11.95 28.16 -14.55
C SER A 88 10.84 28.86 -15.35
N VAL A 89 11.17 29.24 -16.58
CA VAL A 89 10.28 29.97 -17.47
C VAL A 89 10.16 29.15 -18.76
N LEU A 90 8.91 28.77 -19.08
CA LEU A 90 8.61 27.94 -20.23
C LEU A 90 7.49 28.54 -21.10
N PHE A 91 7.48 28.23 -22.41
CA PHE A 91 6.38 28.59 -23.29
C PHE A 91 5.55 27.35 -23.62
N ARG A 92 4.37 27.29 -23.03
CA ARG A 92 3.50 26.13 -23.08
C ARG A 92 2.06 26.60 -23.31
N LYS A 93 1.43 26.09 -24.37
CA LYS A 93 0.02 26.38 -24.65
C LYS A 93 -0.21 27.88 -24.79
N LYS A 94 0.65 28.51 -25.58
CA LYS A 94 0.59 29.93 -25.87
C LYS A 94 0.75 30.85 -24.66
N LYS A 95 1.21 30.30 -23.52
CA LYS A 95 1.46 31.09 -22.31
C LYS A 95 2.85 30.90 -21.75
N CYS A 96 3.24 31.86 -20.92
CA CYS A 96 4.49 31.79 -20.19
C CYS A 96 4.13 31.14 -18.86
N ASP A 97 4.76 29.99 -18.59
CA ASP A 97 4.58 29.24 -17.36
C ASP A 97 5.82 29.46 -16.52
N TYR A 98 5.59 29.77 -15.25
CA TYR A 98 6.64 30.08 -14.31
C TYR A 98 6.53 29.05 -13.20
N ALA A 99 7.65 28.40 -12.90
CA ALA A 99 7.74 27.45 -11.77
C ALA A 99 8.89 27.91 -10.87
N ILE A 100 8.60 28.03 -9.57
CA ILE A 100 9.51 28.58 -8.60
C ILE A 100 9.83 27.47 -7.63
N ALA A 101 11.08 27.40 -7.20
CA ALA A 101 11.53 26.50 -6.14
C ALA A 101 12.63 27.16 -5.33
N THR A 102 12.91 26.58 -4.17
CA THR A 102 14.05 26.96 -3.34
C THR A 102 15.03 25.79 -3.27
N PHE A 103 16.28 26.04 -3.63
CA PHE A 103 17.35 25.05 -3.59
C PHE A 103 18.21 25.40 -2.38
N VAL A 104 18.28 24.50 -1.43
CA VAL A 104 18.98 24.71 -0.17
C VAL A 104 20.31 24.00 -0.30
N PRO A 105 21.41 24.64 0.15
CA PRO A 105 22.72 23.99 -0.01
C PRO A 105 22.77 22.61 0.63
N GLY A 106 23.30 21.64 -0.12
CA GLY A 106 23.29 20.24 0.32
C GLY A 106 24.56 19.90 1.06
N SER A 107 24.86 18.62 1.12
CA SER A 107 25.96 18.10 1.92
C SER A 107 27.33 18.59 1.49
N GLN A 108 27.51 18.82 0.19
CA GLN A 108 28.77 19.26 -0.39
CA GLN A 108 28.76 19.27 -0.37
C GLN A 108 28.49 20.47 -1.29
N PRO A 109 29.46 21.44 -1.34
CA PRO A 109 29.17 22.58 -2.19
C PRO A 109 28.89 22.18 -3.66
N GLY A 110 27.82 22.71 -4.22
CA GLY A 110 27.38 22.37 -5.58
C GLY A 110 26.27 21.36 -5.57
N GLU A 111 25.90 20.85 -4.39
CA GLU A 111 24.67 20.09 -4.23
C GLU A 111 23.58 20.90 -3.56
N PHE A 112 22.33 20.56 -3.88
CA PHE A 112 21.17 21.21 -3.28
C PHE A 112 20.03 20.25 -3.00
N THR A 113 19.31 20.56 -1.94
CA THR A 113 18.10 19.87 -1.58
C THR A 113 16.97 20.84 -1.85
N LEU A 114 15.73 20.35 -1.82
CA LEU A 114 14.55 21.19 -2.12
C LEU A 114 13.99 21.77 -0.83
N GLY A 115 13.83 23.09 -0.76
CA GLY A 115 13.12 23.69 0.37
C GLY A 115 11.64 23.39 0.34
N ASN A 116 11.05 23.28 1.52
CA ASN A 116 9.60 23.05 1.70
C ASN A 116 9.10 21.85 0.91
N ILE A 117 9.78 20.72 1.04
CA ILE A 117 9.49 19.55 0.22
C ILE A 117 8.07 19.01 0.51
N LYS A 118 7.56 19.23 1.72
CA LYS A 118 6.18 18.82 2.07
C LYS A 118 5.09 19.56 1.24
N SER A 119 5.43 20.72 0.69
CA SER A 119 4.56 21.43 -0.28
C SER A 119 4.37 20.64 -1.56
N TYR A 120 5.23 19.69 -1.83
CA TYR A 120 5.18 19.00 -3.12
C TYR A 120 4.51 17.64 -2.97
N PRO A 121 3.28 17.53 -3.46
CA PRO A 121 2.55 16.29 -3.21
C PRO A 121 3.24 15.08 -3.83
N GLY A 122 3.47 14.05 -3.03
CA GLY A 122 4.06 12.81 -3.51
C GLY A 122 5.58 12.77 -3.61
N LEU A 123 6.24 13.91 -3.37
CA LEU A 123 7.70 14.05 -3.52
C LEU A 123 8.38 13.77 -2.20
N THR A 124 9.21 12.73 -2.16
CA THR A 124 9.89 12.33 -0.92
C THR A 124 11.39 12.53 -0.95
N SER A 125 11.96 12.77 -2.12
CA SER A 125 13.39 12.96 -2.20
C SER A 125 13.69 13.87 -3.38
N PHE A 126 14.70 14.72 -3.23
CA PHE A 126 15.11 15.64 -4.28
C PHE A 126 16.57 16.04 -4.13
N LEU A 127 17.37 15.88 -5.17
CA LEU A 127 18.78 16.20 -5.09
C LEU A 127 19.24 16.83 -6.38
N VAL A 128 20.02 17.90 -6.23
CA VAL A 128 20.67 18.58 -7.33
C VAL A 128 22.17 18.45 -7.10
N ARG A 129 22.88 18.12 -8.16
CA ARG A 129 24.33 18.09 -8.15
C ARG A 129 24.90 18.77 -9.43
N VAL A 130 25.60 19.89 -9.25
CA VAL A 130 26.30 20.51 -10.36
C VAL A 130 27.52 19.67 -10.73
N VAL A 131 27.49 19.11 -11.92
CA VAL A 131 28.52 18.16 -12.35
C VAL A 131 29.73 18.91 -12.86
N SER A 132 29.46 19.93 -13.66
CA SER A 132 30.50 20.63 -14.35
C SER A 132 30.02 22.02 -14.78
N THR A 133 30.90 23.01 -14.69
CA THR A 133 30.54 24.33 -15.19
C THR A 133 31.81 25.18 -15.30
N ASN A 134 31.81 26.08 -16.27
CA ASN A 134 32.78 27.16 -16.32
C ASN A 134 32.14 28.54 -15.99
N TYR A 135 30.87 28.54 -15.58
CA TYR A 135 30.17 29.70 -15.03
C TYR A 135 29.69 30.78 -16.03
N ASN A 136 30.53 31.11 -17.00
CA ASN A 136 30.28 32.16 -17.98
CA ASN A 136 30.16 32.17 -17.94
C ASN A 136 29.70 31.67 -19.31
N GLN A 137 29.70 30.34 -19.54
CA GLN A 137 29.17 29.80 -20.81
C GLN A 137 28.27 28.58 -20.66
N HIS A 138 28.71 27.62 -19.86
CA HIS A 138 28.02 26.33 -19.83
C HIS A 138 28.12 25.69 -18.47
N ALA A 139 27.14 24.81 -18.23
CA ALA A 139 27.05 23.98 -17.04
C ALA A 139 26.30 22.66 -17.36
N MET A 140 26.63 21.60 -16.64
CA MET A 140 25.85 20.36 -16.68
C MET A 140 25.42 20.10 -15.26
N VAL A 141 24.15 19.79 -15.09
CA VAL A 141 23.59 19.62 -13.76
C VAL A 141 22.71 18.37 -13.70
N PHE A 142 22.93 17.57 -12.65
CA PHE A 142 22.20 16.34 -12.41
C PHE A 142 21.11 16.59 -11.39
N PHE A 143 19.93 16.06 -11.67
CA PHE A 143 18.78 16.10 -10.78
C PHE A 143 18.22 14.67 -10.58
N LYS A 144 17.87 14.34 -9.34
CA LYS A 144 17.24 13.09 -9.00
C LYS A 144 16.12 13.37 -8.02
N LYS A 145 14.97 12.77 -8.25
CA LYS A 145 13.85 12.86 -7.34
C LYS A 145 13.10 11.55 -7.26
N VAL A 146 12.44 11.33 -6.14
CA VAL A 146 11.53 10.21 -5.97
C VAL A 146 10.17 10.82 -5.80
N SER A 147 9.30 10.52 -6.74
CA SER A 147 7.93 11.01 -6.73
C SER A 147 7.01 9.80 -6.86
N GLN A 148 6.02 9.73 -5.99
CA GLN A 148 5.21 8.51 -5.86
C GLN A 148 6.11 7.26 -5.90
N ASN A 149 7.19 7.28 -5.11
CA ASN A 149 8.13 6.15 -4.98
C ASN A 149 8.86 5.72 -6.27
N ARG A 150 8.74 6.51 -7.34
CA ARG A 150 9.41 6.20 -8.59
C ARG A 150 10.62 7.11 -8.66
N GLU A 151 11.76 6.56 -9.09
CA GLU A 151 12.99 7.36 -9.05
C GLU A 151 13.36 7.93 -10.43
N TYR A 152 13.25 9.24 -10.55
CA TYR A 152 13.54 9.94 -11.79
C TYR A 152 14.89 10.63 -11.70
N PHE A 153 15.57 10.71 -12.84
CA PHE A 153 16.75 11.53 -12.96
C PHE A 153 16.82 12.19 -14.32
N LYS A 154 17.56 13.27 -14.35
CA LYS A 154 17.66 14.19 -15.44
C LYS A 154 19.06 14.80 -15.41
N ILE A 155 19.62 15.06 -16.59
CA ILE A 155 20.78 15.94 -16.73
C ILE A 155 20.41 17.09 -17.66
N THR A 156 20.71 18.32 -17.23
CA THR A 156 20.49 19.43 -18.07
C THR A 156 21.81 20.01 -18.51
N LEU A 157 21.88 20.38 -19.79
CA LEU A 157 23.01 21.14 -20.34
C LEU A 157 22.57 22.60 -20.43
N TYR A 158 23.22 23.44 -19.68
CA TYR A 158 22.82 24.82 -19.58
C TYR A 158 23.79 25.64 -20.37
N GLY A 159 23.30 26.69 -21.01
CA GLY A 159 24.14 27.69 -21.68
C GLY A 159 23.77 29.09 -21.24
N ARG A 160 24.73 30.01 -21.19
CA ARG A 160 24.44 31.41 -20.93
C ARG A 160 23.76 32.03 -22.15
N THR A 161 24.03 31.47 -23.34
CA THR A 161 23.29 31.78 -24.55
C THR A 161 22.49 30.54 -25.04
N LYS A 162 21.70 30.71 -26.09
CA LYS A 162 20.81 29.66 -26.63
C LYS A 162 21.52 28.63 -27.49
N GLU A 163 22.79 28.89 -27.79
CA GLU A 163 23.57 27.99 -28.65
C GLU A 163 24.81 27.48 -27.90
N LEU A 164 25.18 26.22 -28.07
CA LEU A 164 26.56 25.78 -27.69
C LEU A 164 27.24 24.92 -28.79
N THR A 165 28.54 24.83 -28.63
CA THR A 165 29.38 24.13 -29.52
C THR A 165 28.98 22.65 -29.68
N SER A 166 29.27 22.14 -30.85
CA SER A 166 29.31 20.71 -31.08
C SER A 166 30.05 19.94 -29.99
N GLU A 167 31.20 20.46 -29.57
CA GLU A 167 32.00 19.82 -28.56
C GLU A 167 31.24 19.64 -27.25
N LEU A 168 30.59 20.70 -26.78
CA LEU A 168 29.90 20.65 -25.50
C LEU A 168 28.70 19.72 -25.63
N LYS A 169 28.03 19.76 -26.76
CA LYS A 169 26.88 18.93 -26.97
C LYS A 169 27.24 17.40 -27.01
N GLU A 170 28.34 17.06 -27.70
CA GLU A 170 28.80 15.67 -27.72
C GLU A 170 29.29 15.19 -26.37
N ASN A 171 29.98 16.06 -25.63
CA ASN A 171 30.40 15.75 -24.27
CA ASN A 171 30.40 15.75 -24.27
C ASN A 171 29.19 15.38 -23.41
N PHE A 172 28.10 16.10 -23.62
CA PHE A 172 26.84 15.90 -22.89
C PHE A 172 26.15 14.59 -23.26
N ILE A 173 26.16 14.26 -24.55
CA ILE A 173 25.63 12.98 -25.00
C ILE A 173 26.47 11.85 -24.37
N ARG A 174 27.78 11.99 -24.47
CA ARG A 174 28.71 11.00 -23.90
C ARG A 174 28.40 10.78 -22.40
N PHE A 175 28.20 11.89 -21.66
CA PHE A 175 27.94 11.81 -20.25
C PHE A 175 26.58 11.16 -19.99
N SER A 176 25.56 11.59 -20.71
CA SER A 176 24.23 11.02 -20.52
C SER A 176 24.22 9.51 -20.73
N LYS A 177 24.91 9.06 -21.78
CA LYS A 177 25.06 7.64 -22.04
C LYS A 177 25.81 6.90 -20.97
N SER A 178 26.84 7.53 -20.38
CA SER A 178 27.59 6.88 -19.30
C SER A 178 26.69 6.60 -18.11
N LEU A 179 25.57 7.32 -18.01
CA LEU A 179 24.62 7.09 -16.93
C LEU A 179 23.51 6.11 -17.36
N GLY A 180 23.63 5.55 -18.56
CA GLY A 180 22.76 4.49 -18.99
C GLY A 180 21.57 4.92 -19.83
N LEU A 181 21.59 6.18 -20.31
CA LEU A 181 20.51 6.72 -21.10
C LEU A 181 20.81 6.50 -22.56
N PRO A 182 19.88 5.89 -23.29
CA PRO A 182 20.09 5.83 -24.73
C PRO A 182 19.74 7.15 -25.41
N GLU A 183 20.10 7.21 -26.68
CA GLU A 183 20.00 8.41 -27.48
C GLU A 183 18.58 8.94 -27.60
N ASN A 184 17.56 8.06 -27.61
CA ASN A 184 16.18 8.55 -27.60
C ASN A 184 15.74 9.20 -26.27
N HIS A 185 16.57 9.13 -25.23
CA HIS A 185 16.31 9.88 -23.98
C HIS A 185 17.12 11.16 -23.83
N ILE A 186 17.64 11.67 -24.95
CA ILE A 186 18.53 12.84 -24.99
C ILE A 186 17.95 13.82 -26.02
N VAL A 187 17.49 14.99 -25.54
CA VAL A 187 16.86 15.96 -26.43
CA VAL A 187 16.80 15.98 -26.35
C VAL A 187 17.58 17.31 -26.42
N PHE A 188 17.49 18.02 -27.53
CA PHE A 188 18.04 19.37 -27.66
C PHE A 188 16.90 20.34 -27.94
N PRO A 189 16.39 20.99 -26.89
CA PRO A 189 15.27 21.92 -27.06
C PRO A 189 15.56 22.99 -28.11
N VAL A 190 14.54 23.32 -28.87
CA VAL A 190 14.65 24.22 -30.01
C VAL A 190 14.66 25.65 -29.47
N PRO A 191 15.61 26.48 -29.89
CA PRO A 191 15.58 27.86 -29.45
C PRO A 191 14.26 28.57 -29.77
N ILE A 192 13.77 29.39 -28.85
CA ILE A 192 12.61 30.23 -29.09
C ILE A 192 12.81 31.60 -28.46
N ASP A 193 11.93 32.53 -28.82
CA ASP A 193 11.98 33.92 -28.35
C ASP A 193 10.91 34.21 -27.30
N GLN A 194 9.78 33.53 -27.37
CA GLN A 194 8.71 33.73 -26.43
C GLN A 194 9.15 33.38 -24.99
N CYS A 195 8.85 34.29 -24.06
CA CYS A 195 8.93 34.09 -22.60
C CYS A 195 10.33 34.09 -21.94
N ILE A 196 11.30 33.48 -22.61
CA ILE A 196 12.54 33.04 -22.01
C ILE A 196 13.63 34.09 -22.09
N ASP A 197 13.38 35.14 -22.86
CA ASP A 197 14.25 36.31 -22.93
C ASP A 197 13.67 37.44 -22.08
N SER B 25 -0.73 -28.92 -11.78
CA SER B 25 -0.04 -28.07 -10.74
C SER B 25 -0.25 -28.64 -9.32
N ASP B 26 0.83 -28.71 -8.55
CA ASP B 26 0.84 -29.36 -7.23
C ASP B 26 1.49 -28.44 -6.22
N LEU B 27 0.78 -28.13 -5.13
CA LEU B 27 1.25 -27.15 -4.17
C LEU B 27 1.26 -27.71 -2.75
N ILE B 28 2.30 -27.39 -2.00
CA ILE B 28 2.27 -27.63 -0.56
C ILE B 28 1.10 -26.80 0.00
N PRO B 29 0.26 -27.41 0.84
CA PRO B 29 -0.93 -26.71 1.33
C PRO B 29 -0.60 -25.54 2.27
N ALA B 30 -1.38 -24.46 2.17
CA ALA B 30 -1.30 -23.34 3.10
C ALA B 30 -1.46 -23.87 4.53
N PRO B 31 -0.71 -23.32 5.47
CA PRO B 31 -0.90 -23.75 6.85
C PRO B 31 -2.20 -23.18 7.42
N PRO B 32 -2.75 -23.84 8.44
CA PRO B 32 -3.83 -23.18 9.17
C PRO B 32 -3.33 -21.89 9.80
N LEU B 33 -4.19 -20.88 9.84
CA LEU B 33 -3.85 -19.60 10.44
C LEU B 33 -3.39 -19.68 11.89
N SER B 34 -3.83 -20.71 12.62
CA SER B 34 -3.39 -20.90 13.99
C SER B 34 -1.87 -21.09 14.13
N LYS B 35 -1.21 -21.49 13.03
CA LYS B 35 0.26 -21.68 13.01
C LYS B 35 1.05 -20.42 12.63
N VAL B 36 0.32 -19.33 12.36
CA VAL B 36 0.94 -18.08 11.91
C VAL B 36 0.73 -17.03 12.98
N PRO B 37 1.78 -16.74 13.75
CA PRO B 37 1.57 -15.73 14.78
C PRO B 37 1.35 -14.32 14.21
N LEU B 38 0.74 -13.48 15.05
CA LEU B 38 0.47 -12.09 14.77
C LEU B 38 1.35 -11.19 15.67
N GLN B 39 2.11 -10.25 15.09
CA GLN B 39 2.84 -9.29 15.94
C GLN B 39 1.86 -8.61 16.90
N GLN B 40 2.12 -8.73 18.21
CA GLN B 40 1.28 -8.05 19.20
C GLN B 40 1.49 -6.55 19.19
N ASN B 41 0.45 -5.80 19.50
CA ASN B 41 0.54 -4.37 19.64
C ASN B 41 1.04 -3.69 18.34
N PHE B 42 0.55 -4.13 17.19
CA PHE B 42 1.07 -3.65 15.91
C PHE B 42 0.94 -2.14 15.76
N GLN B 43 2.04 -1.49 15.40
CA GLN B 43 2.09 -0.05 15.23
C GLN B 43 2.19 0.33 13.75
N ASP B 44 1.06 0.67 13.14
CA ASP B 44 1.03 0.84 11.69
C ASP B 44 1.95 1.96 11.20
N ASN B 45 2.04 3.04 11.96
CA ASN B 45 2.92 4.15 11.56
C ASN B 45 4.43 3.78 11.60
N GLN B 46 4.83 2.89 12.51
CA GLN B 46 6.24 2.44 12.61
C GLN B 46 6.61 1.44 11.55
N PHE B 47 5.63 0.80 10.92
CA PHE B 47 5.94 -0.17 9.89
C PHE B 47 6.16 0.45 8.52
N GLN B 48 5.80 1.73 8.40
CA GLN B 48 6.01 2.50 7.19
C GLN B 48 7.47 2.56 6.69
N GLY B 49 7.59 2.98 5.42
CA GLY B 49 8.88 3.21 4.79
C GLY B 49 9.35 2.00 3.98
N LYS B 50 10.65 1.99 3.69
CA LYS B 50 11.25 1.05 2.77
C LYS B 50 11.66 -0.19 3.55
N TRP B 51 11.23 -1.36 3.06
CA TRP B 51 11.79 -2.63 3.47
C TRP B 51 12.44 -3.35 2.33
N TYR B 52 13.58 -4.00 2.60
CA TYR B 52 14.22 -4.90 1.66
C TYR B 52 13.77 -6.33 1.88
N VAL B 53 13.55 -7.08 0.80
CA VAL B 53 13.22 -8.49 0.90
C VAL B 53 14.51 -9.31 0.96
N VAL B 54 14.87 -9.67 2.19
CA VAL B 54 16.11 -10.39 2.48
C VAL B 54 15.89 -11.90 2.37
N GLY B 55 14.66 -12.34 2.62
CA GLY B 55 14.37 -13.73 2.54
C GLY B 55 12.99 -13.90 1.97
N LEU B 56 12.79 -14.97 1.23
CA LEU B 56 11.51 -15.21 0.60
C LEU B 56 11.22 -16.72 0.60
N ALA B 57 10.03 -17.15 1.08
CA ALA B 57 9.66 -18.57 1.08
C ALA B 57 8.18 -18.75 0.77
N GLY B 58 7.80 -19.87 0.18
CA GLY B 58 6.38 -20.11 -0.09
C GLY B 58 6.16 -21.30 -0.97
N ASN B 59 4.89 -21.68 -1.18
CA ASN B 59 4.62 -22.91 -1.92
C ASN B 59 4.84 -22.78 -3.42
N ALA B 60 4.90 -21.54 -3.91
CA ALA B 60 5.25 -21.25 -5.30
C ALA B 60 6.65 -20.63 -5.48
N ILE B 61 7.38 -20.40 -4.38
CA ILE B 61 8.78 -19.93 -4.47
C ILE B 61 9.72 -21.11 -4.66
N LEU B 62 10.56 -21.07 -5.68
CA LEU B 62 11.55 -22.13 -5.93
C LEU B 62 12.97 -21.54 -6.07
N ARG B 63 13.91 -22.19 -5.40
CA ARG B 63 15.33 -21.88 -5.53
C ARG B 63 15.84 -22.18 -6.95
N GLU B 64 16.52 -21.21 -7.55
CA GLU B 64 17.01 -21.28 -8.92
C GLU B 64 18.50 -20.94 -8.93
N ASP B 65 19.34 -21.97 -8.86
CA ASP B 65 20.79 -21.75 -8.86
C ASP B 65 21.28 -21.14 -10.17
N LYS B 66 20.63 -21.50 -11.27
CA LYS B 66 20.99 -20.97 -12.60
C LYS B 66 20.79 -19.47 -12.71
N ASP B 67 19.75 -18.93 -12.06
CA ASP B 67 19.46 -17.50 -12.14
C ASP B 67 18.90 -16.95 -10.80
N PRO B 68 19.79 -16.79 -9.79
CA PRO B 68 19.30 -16.48 -8.46
C PRO B 68 18.43 -15.23 -8.43
N GLN B 69 17.43 -15.28 -7.56
CA GLN B 69 16.52 -14.18 -7.34
C GLN B 69 17.30 -12.94 -6.84
N LYS B 70 17.07 -11.79 -7.46
CA LYS B 70 17.69 -10.55 -7.03
C LYS B 70 16.82 -9.90 -5.96
N MET B 71 17.45 -9.28 -4.98
CA MET B 71 16.74 -8.52 -3.96
C MET B 71 15.88 -7.44 -4.58
N TYR B 72 14.69 -7.24 -4.01
CA TYR B 72 13.85 -6.11 -4.36
C TYR B 72 13.36 -5.47 -3.08
N ALA B 73 12.60 -4.39 -3.21
CA ALA B 73 12.20 -3.58 -2.07
C ALA B 73 10.71 -3.35 -2.12
N THR B 74 10.10 -3.17 -0.94
CA THR B 74 8.70 -2.86 -0.82
C THR B 74 8.57 -1.68 0.12
N ILE B 75 7.89 -0.62 -0.34
CA ILE B 75 7.67 0.60 0.44
C ILE B 75 6.23 0.61 0.95
N TYR B 76 6.06 0.81 2.27
CA TYR B 76 4.73 0.96 2.89
C TYR B 76 4.48 2.39 3.34
N GLU B 77 3.44 3.02 2.76
CA GLU B 77 3.02 4.37 3.15
C GLU B 77 1.58 4.38 3.59
N LEU B 78 1.37 4.91 4.78
CA LEU B 78 0.06 5.00 5.40
C LEU B 78 -0.71 6.16 4.77
N LYS B 79 -1.90 5.90 4.25
CA LYS B 79 -2.77 6.96 3.72
C LYS B 79 -3.55 7.61 4.86
N GLU B 80 -4.33 8.64 4.58
CA GLU B 80 -5.11 9.30 5.66
C GLU B 80 -6.12 8.33 6.31
N ASP B 81 -6.77 7.50 5.47
CA ASP B 81 -7.73 6.49 6.00
C ASP B 81 -7.07 5.28 6.68
N LYS B 82 -5.74 5.28 6.74
CA LYS B 82 -4.96 4.24 7.46
C LYS B 82 -4.80 2.90 6.72
N SER B 83 -5.25 2.85 5.47
CA SER B 83 -4.77 1.81 4.55
C SER B 83 -3.35 2.13 4.14
N TYR B 84 -2.64 1.12 3.66
CA TYR B 84 -1.29 1.34 3.14
C TYR B 84 -1.29 1.37 1.63
N ASN B 85 -0.60 2.35 1.02
CA ASN B 85 -0.13 2.18 -0.35
C ASN B 85 1.14 1.38 -0.27
N VAL B 86 1.22 0.34 -1.07
CA VAL B 86 2.34 -0.59 -1.03
C VAL B 86 2.91 -0.58 -2.43
N THR B 87 4.19 -0.24 -2.55
CA THR B 87 4.88 -0.17 -3.82
C THR B 87 6.09 -1.11 -3.78
N SER B 88 6.13 -2.07 -4.68
CA SER B 88 7.33 -2.91 -4.82
C SER B 88 8.16 -2.44 -6.01
N VAL B 89 9.47 -2.42 -5.80
CA VAL B 89 10.43 -1.95 -6.81
C VAL B 89 11.37 -3.09 -7.07
N LEU B 90 11.44 -3.53 -8.33
CA LEU B 90 12.31 -4.62 -8.74
C LEU B 90 13.14 -4.19 -9.93
N PHE B 91 14.29 -4.83 -10.09
CA PHE B 91 15.16 -4.62 -11.23
C PHE B 91 14.96 -5.79 -12.19
N ARG B 92 14.34 -5.52 -13.33
CA ARG B 92 14.03 -6.56 -14.31
C ARG B 92 14.28 -6.07 -15.73
N LYS B 93 15.09 -6.81 -16.50
CA LYS B 93 15.31 -6.49 -17.90
C LYS B 93 15.96 -5.12 -18.05
N LYS B 94 16.86 -4.80 -17.12
CA LYS B 94 17.70 -3.62 -17.20
C LYS B 94 16.91 -2.36 -16.78
N LYS B 95 15.69 -2.55 -16.30
CA LYS B 95 14.87 -1.44 -15.84
C LYS B 95 14.27 -1.64 -14.44
N CYS B 96 13.78 -0.54 -13.88
CA CYS B 96 13.08 -0.57 -12.60
C CYS B 96 11.57 -0.74 -12.84
N ASP B 97 10.98 -1.80 -12.27
CA ASP B 97 9.54 -2.12 -12.44
C ASP B 97 8.84 -1.81 -11.13
N TYR B 98 7.71 -1.12 -11.21
CA TYR B 98 6.98 -0.70 -10.02
C TYR B 98 5.60 -1.37 -9.96
N ALA B 99 5.33 -2.12 -8.88
CA ALA B 99 4.02 -2.72 -8.64
C ALA B 99 3.32 -2.06 -7.44
N ILE B 100 2.09 -1.60 -7.64
CA ILE B 100 1.33 -0.88 -6.60
C ILE B 100 0.16 -1.72 -6.09
N ALA B 101 -0.01 -1.83 -4.79
CA ALA B 101 -1.21 -2.43 -4.22
C ALA B 101 -1.65 -1.54 -3.08
N THR B 102 -2.90 -1.73 -2.63
CA THR B 102 -3.41 -1.14 -1.38
C THR B 102 -3.68 -2.24 -0.36
N PHE B 103 -3.11 -2.10 0.83
CA PHE B 103 -3.38 -3.03 1.93
C PHE B 103 -4.37 -2.36 2.87
N VAL B 104 -5.53 -3.01 3.01
CA VAL B 104 -6.64 -2.53 3.81
C VAL B 104 -6.66 -3.24 5.16
N PRO B 105 -6.78 -2.48 6.27
CA PRO B 105 -6.79 -3.06 7.62
C PRO B 105 -7.87 -4.13 7.78
N GLY B 106 -7.51 -5.29 8.28
CA GLY B 106 -8.43 -6.42 8.40
C GLY B 106 -8.93 -6.58 9.82
N SER B 107 -9.16 -7.82 10.24
CA SER B 107 -9.92 -8.10 11.45
C SER B 107 -9.20 -7.72 12.75
N GLN B 108 -7.88 -7.60 12.66
CA GLN B 108 -6.99 -7.40 13.79
C GLN B 108 -5.83 -6.50 13.38
N PRO B 109 -5.23 -5.77 14.35
CA PRO B 109 -4.12 -4.89 14.00
C PRO B 109 -2.90 -5.70 13.54
N GLY B 110 -2.47 -5.46 12.30
CA GLY B 110 -1.35 -6.20 11.71
C GLY B 110 -1.78 -7.21 10.67
N GLU B 111 -3.09 -7.20 10.39
CA GLU B 111 -3.67 -7.97 9.32
C GLU B 111 -4.30 -7.03 8.31
N PHE B 112 -4.31 -7.47 7.06
CA PHE B 112 -4.82 -6.66 5.96
C PHE B 112 -5.44 -7.52 4.89
N THR B 113 -6.33 -6.93 4.10
CA THR B 113 -6.77 -7.52 2.86
C THR B 113 -6.36 -6.58 1.74
N LEU B 114 -6.61 -6.98 0.51
CA LEU B 114 -6.14 -6.28 -0.66
C LEU B 114 -7.26 -5.40 -1.16
N GLY B 115 -6.97 -4.11 -1.34
CA GLY B 115 -7.95 -3.19 -1.94
C GLY B 115 -8.16 -3.44 -3.43
N ASN B 116 -9.35 -3.10 -3.94
CA ASN B 116 -9.66 -3.21 -5.36
CA ASN B 116 -9.66 -3.21 -5.36
C ASN B 116 -9.37 -4.62 -5.90
N ILE B 117 -9.79 -5.63 -5.18
CA ILE B 117 -9.56 -7.01 -5.58
C ILE B 117 -10.12 -7.35 -7.00
N LYS B 118 -11.17 -6.66 -7.44
CA LYS B 118 -11.74 -6.86 -8.79
C LYS B 118 -10.79 -6.43 -9.92
N SER B 119 -9.80 -5.59 -9.60
CA SER B 119 -8.66 -5.30 -10.48
C SER B 119 -7.85 -6.51 -10.87
N TYR B 120 -7.87 -7.56 -10.06
CA TYR B 120 -6.96 -8.69 -10.21
C TYR B 120 -7.75 -9.91 -10.74
N PRO B 121 -7.59 -10.25 -12.03
CA PRO B 121 -8.39 -11.33 -12.64
C PRO B 121 -8.26 -12.70 -11.95
N GLY B 122 -9.36 -13.24 -11.44
CA GLY B 122 -9.34 -14.56 -10.87
C GLY B 122 -8.80 -14.67 -9.44
N LEU B 123 -8.61 -13.53 -8.77
CA LEU B 123 -8.16 -13.48 -7.39
C LEU B 123 -9.39 -13.32 -6.50
N THR B 124 -9.63 -14.28 -5.61
CA THR B 124 -10.85 -14.31 -4.81
C THR B 124 -10.59 -14.15 -3.33
N SER B 125 -9.32 -14.18 -2.91
CA SER B 125 -8.98 -14.12 -1.51
C SER B 125 -7.53 -13.67 -1.35
N PHE B 126 -7.29 -12.80 -0.38
CA PHE B 126 -5.95 -12.29 -0.13
C PHE B 126 -5.85 -11.84 1.32
N LEU B 127 -4.85 -12.35 2.03
CA LEU B 127 -4.65 -12.06 3.44
C LEU B 127 -3.18 -11.74 3.70
N VAL B 128 -2.93 -10.68 4.46
CA VAL B 128 -1.59 -10.38 4.95
C VAL B 128 -1.60 -10.42 6.47
N ARG B 129 -0.58 -11.02 7.08
CA ARG B 129 -0.46 -10.99 8.54
C ARG B 129 0.98 -10.71 8.98
N VAL B 130 1.22 -9.58 9.64
CA VAL B 130 2.56 -9.31 10.15
C VAL B 130 2.84 -10.25 11.32
N VAL B 131 3.82 -11.12 11.17
CA VAL B 131 4.08 -12.12 12.18
C VAL B 131 4.95 -11.59 13.29
N SER B 132 5.90 -10.73 12.93
CA SER B 132 6.97 -10.29 13.82
C SER B 132 7.67 -9.07 13.25
N THR B 133 7.92 -8.07 14.09
CA THR B 133 8.78 -6.97 13.69
C THR B 133 9.24 -6.17 14.91
N ASN B 134 10.44 -5.60 14.78
CA ASN B 134 10.92 -4.54 15.67
C ASN B 134 10.91 -3.19 14.96
N TYR B 135 10.30 -3.13 13.79
CA TYR B 135 10.07 -1.88 13.06
C TYR B 135 11.30 -1.20 12.47
N ASN B 136 12.44 -1.24 13.15
CA ASN B 136 13.62 -0.52 12.68
C ASN B 136 14.75 -1.37 12.10
N GLN B 137 14.62 -2.70 12.12
CA GLN B 137 15.60 -3.58 11.50
C GLN B 137 14.97 -4.74 10.69
N HIS B 138 13.96 -5.39 11.23
CA HIS B 138 13.47 -6.60 10.61
C HIS B 138 11.99 -6.82 10.79
N ALA B 139 11.41 -7.60 9.88
CA ALA B 139 10.02 -8.01 9.96
C ALA B 139 9.85 -9.33 9.25
N MET B 140 8.87 -10.11 9.69
CA MET B 140 8.43 -11.31 8.97
C MET B 140 6.95 -11.21 8.70
N VAL B 141 6.59 -11.32 7.43
CA VAL B 141 5.21 -11.15 7.01
C VAL B 141 4.74 -12.35 6.21
N PHE B 142 3.52 -12.80 6.55
CA PHE B 142 2.84 -13.93 5.93
C PHE B 142 1.77 -13.47 4.98
N PHE B 143 1.78 -14.02 3.76
CA PHE B 143 0.74 -13.73 2.78
C PHE B 143 0.06 -15.04 2.36
N LYS B 144 -1.23 -14.95 2.08
CA LYS B 144 -2.02 -16.09 1.61
C LYS B 144 -3.01 -15.54 0.61
N LYS B 145 -3.08 -16.15 -0.55
CA LYS B 145 -4.06 -15.75 -1.53
C LYS B 145 -4.62 -16.96 -2.25
N VAL B 146 -5.87 -16.85 -2.70
CA VAL B 146 -6.45 -17.83 -3.60
C VAL B 146 -6.61 -17.22 -4.99
N SER B 147 -5.88 -17.77 -5.97
CA SER B 147 -5.89 -17.26 -7.33
C SER B 147 -6.14 -18.38 -8.32
N GLN B 148 -7.10 -18.18 -9.21
CA GLN B 148 -7.59 -19.24 -10.11
C GLN B 148 -7.90 -20.52 -9.32
N ASN B 149 -8.52 -20.35 -8.15
CA ASN B 149 -8.87 -21.46 -7.24
C ASN B 149 -7.69 -22.22 -6.63
N ARG B 150 -6.47 -21.73 -6.83
CA ARG B 150 -5.30 -22.35 -6.24
C ARG B 150 -4.86 -21.50 -5.05
N GLU B 151 -4.45 -22.18 -3.99
CA GLU B 151 -4.10 -21.51 -2.74
C GLU B 151 -2.58 -21.41 -2.56
N TYR B 152 -2.11 -20.17 -2.58
CA TYR B 152 -0.71 -19.83 -2.45
C TYR B 152 -0.43 -19.19 -1.08
N PHE B 153 0.74 -19.49 -0.52
CA PHE B 153 1.20 -18.71 0.63
C PHE B 153 2.67 -18.35 0.49
N LYS B 154 3.06 -17.26 1.14
CA LYS B 154 4.46 -16.92 1.19
C LYS B 154 4.79 -16.23 2.50
N ILE B 155 6.06 -16.36 2.90
CA ILE B 155 6.61 -15.59 3.98
C ILE B 155 7.77 -14.76 3.48
N THR B 156 7.75 -13.47 3.81
CA THR B 156 8.84 -12.59 3.47
CA THR B 156 8.87 -12.60 3.48
C THR B 156 9.60 -12.17 4.74
N LEU B 157 10.93 -12.19 4.66
CA LEU B 157 11.76 -11.70 5.73
C LEU B 157 12.20 -10.34 5.24
N TYR B 158 11.75 -9.31 5.93
CA TYR B 158 12.07 -7.94 5.56
C TYR B 158 13.23 -7.40 6.42
N GLY B 159 14.12 -6.64 5.78
CA GLY B 159 15.21 -5.95 6.48
C GLY B 159 15.20 -4.46 6.16
N ARG B 160 15.47 -3.63 7.15
CA ARG B 160 15.64 -2.19 6.87
C ARG B 160 16.94 -1.95 6.13
N THR B 161 17.89 -2.88 6.31
CA THR B 161 19.13 -2.94 5.53
C THR B 161 19.12 -4.20 4.64
N LYS B 162 20.06 -4.33 3.71
CA LYS B 162 20.07 -5.47 2.79
C LYS B 162 20.63 -6.76 3.40
N GLU B 163 21.28 -6.62 4.55
CA GLU B 163 21.87 -7.75 5.27
C GLU B 163 21.17 -7.86 6.59
N LEU B 164 20.97 -9.08 7.05
CA LEU B 164 20.51 -9.28 8.42
C LEU B 164 21.35 -10.39 9.06
N THR B 165 21.31 -10.51 10.39
CA THR B 165 22.13 -11.51 11.07
C THR B 165 21.78 -12.95 10.68
N SER B 166 22.74 -13.83 10.90
CA SER B 166 22.52 -15.25 10.71
C SER B 166 21.37 -15.71 11.58
N GLU B 167 21.31 -15.19 12.79
CA GLU B 167 20.28 -15.58 13.71
C GLU B 167 18.90 -15.32 13.12
N LEU B 168 18.66 -14.12 12.59
CA LEU B 168 17.34 -13.79 12.01
C LEU B 168 17.05 -14.62 10.78
N LYS B 169 18.05 -14.83 9.95
CA LYS B 169 17.86 -15.67 8.79
C LYS B 169 17.47 -17.11 9.21
N GLU B 170 18.14 -17.63 10.25
CA GLU B 170 17.83 -18.99 10.72
C GLU B 170 16.43 -19.08 11.29
N ASN B 171 16.03 -18.06 12.05
CA ASN B 171 14.67 -18.02 12.58
CA ASN B 171 14.68 -18.03 12.59
C ASN B 171 13.65 -18.13 11.44
N PHE B 172 13.89 -17.36 10.39
CA PHE B 172 13.02 -17.36 9.21
C PHE B 172 13.02 -18.74 8.54
N ILE B 173 14.17 -19.39 8.46
CA ILE B 173 14.21 -20.73 7.89
C ILE B 173 13.37 -21.65 8.77
N ARG B 174 13.60 -21.63 10.09
CA ARG B 174 12.86 -22.51 10.99
C ARG B 174 11.37 -22.28 10.89
N PHE B 175 10.96 -21.02 10.88
CA PHE B 175 9.55 -20.69 10.78
C PHE B 175 8.92 -21.14 9.43
N SER B 176 9.66 -21.03 8.33
CA SER B 176 9.15 -21.43 7.06
C SER B 176 8.95 -22.94 7.05
N LYS B 177 9.90 -23.67 7.63
CA LYS B 177 9.80 -25.14 7.71
C LYS B 177 8.65 -25.57 8.59
N SER B 178 8.35 -24.80 9.64
CA SER B 178 7.25 -25.13 10.52
C SER B 178 5.92 -24.99 9.81
N LEU B 179 5.87 -24.26 8.70
CA LEU B 179 4.64 -24.15 7.92
C LEU B 179 4.64 -25.16 6.75
N GLY B 180 5.58 -26.10 6.74
CA GLY B 180 5.57 -27.18 5.75
C GLY B 180 6.48 -26.97 4.55
N LEU B 181 7.23 -25.88 4.52
CA LEU B 181 8.10 -25.60 3.38
C LEU B 181 9.50 -26.23 3.56
N PRO B 182 9.99 -26.98 2.57
CA PRO B 182 11.40 -27.40 2.63
C PRO B 182 12.34 -26.33 2.04
N GLU B 183 13.64 -26.62 2.06
CA GLU B 183 14.67 -25.60 1.80
C GLU B 183 14.71 -25.12 0.35
N ASN B 184 14.33 -25.95 -0.59
CA ASN B 184 14.27 -25.51 -1.97
C ASN B 184 13.07 -24.59 -2.18
N HIS B 185 12.25 -24.40 -1.16
CA HIS B 185 11.21 -23.37 -1.22
C HIS B 185 11.54 -22.09 -0.46
N ILE B 186 12.79 -21.93 -0.06
CA ILE B 186 13.24 -20.81 0.75
C ILE B 186 14.45 -20.19 0.04
N VAL B 187 14.39 -18.90 -0.27
CA VAL B 187 15.37 -18.22 -1.12
C VAL B 187 15.86 -16.96 -0.37
N PHE B 188 17.14 -16.64 -0.47
CA PHE B 188 17.65 -15.38 0.06
C PHE B 188 18.09 -14.55 -1.13
N PRO B 189 17.27 -13.56 -1.50
CA PRO B 189 17.62 -12.81 -2.70
C PRO B 189 18.97 -12.11 -2.58
N VAL B 190 19.70 -12.00 -3.69
CA VAL B 190 21.05 -11.44 -3.69
C VAL B 190 20.93 -9.92 -3.68
N PRO B 191 21.58 -9.25 -2.72
CA PRO B 191 21.63 -7.77 -2.70
C PRO B 191 22.08 -7.13 -4.03
N ILE B 192 21.40 -6.09 -4.47
CA ILE B 192 21.80 -5.28 -5.65
C ILE B 192 21.65 -3.80 -5.28
N ASP B 193 22.16 -2.93 -6.13
CA ASP B 193 22.08 -1.48 -5.93
C ASP B 193 21.10 -0.79 -6.85
N GLN B 194 20.82 -1.37 -8.00
CA GLN B 194 19.93 -0.76 -8.98
C GLN B 194 18.50 -0.72 -8.44
N CYS B 195 17.85 0.44 -8.56
CA CYS B 195 16.41 0.62 -8.33
C CYS B 195 15.99 0.72 -6.90
N ILE B 196 16.55 -0.14 -6.06
CA ILE B 196 16.12 -0.31 -4.68
C ILE B 196 16.83 0.60 -3.66
N ASP B 197 17.75 1.46 -4.10
CA ASP B 197 18.46 2.36 -3.19
C ASP B 197 17.96 3.80 -3.10
N GLY B 198 16.91 4.17 -3.85
CA GLY B 198 16.33 5.52 -3.76
C GLY B 198 15.51 5.85 -2.50
N THR C 24 -15.71 -5.07 34.64
CA THR C 24 -16.75 -4.24 35.34
C THR C 24 -17.31 -3.14 34.40
N SER C 25 -18.51 -3.31 33.84
CA SER C 25 -19.27 -4.57 33.84
C SER C 25 -18.38 -5.75 33.43
N ASP C 26 -18.41 -6.82 34.22
CA ASP C 26 -17.74 -8.05 33.89
C ASP C 26 -18.49 -8.67 32.70
N LEU C 27 -17.82 -9.48 31.90
CA LEU C 27 -18.41 -10.02 30.66
C LEU C 27 -18.17 -11.52 30.48
N ILE C 28 -19.20 -12.22 30.00
CA ILE C 28 -19.05 -13.64 29.66
C ILE C 28 -17.93 -13.70 28.60
N PRO C 29 -16.91 -14.55 28.81
CA PRO C 29 -15.82 -14.57 27.83
C PRO C 29 -16.25 -14.95 26.41
N ALA C 30 -15.66 -14.33 25.42
CA ALA C 30 -15.84 -14.75 24.06
C ALA C 30 -15.34 -16.20 23.94
N PRO C 31 -16.06 -17.03 23.18
CA PRO C 31 -15.59 -18.38 22.94
C PRO C 31 -14.42 -18.41 21.94
N PRO C 32 -13.60 -19.47 21.98
CA PRO C 32 -12.61 -19.63 20.92
C PRO C 32 -13.31 -19.91 19.60
N LEU C 33 -12.69 -19.47 18.51
CA LEU C 33 -13.26 -19.61 17.19
C LEU C 33 -13.46 -21.07 16.75
N SER C 34 -12.77 -22.00 17.41
CA SER C 34 -13.00 -23.43 17.22
C SER C 34 -14.41 -23.90 17.63
N LYS C 35 -15.10 -23.12 18.47
CA LYS C 35 -16.46 -23.46 18.89
C LYS C 35 -17.52 -22.82 17.98
N VAL C 36 -17.08 -22.08 16.97
CA VAL C 36 -18.00 -21.37 16.09
C VAL C 36 -17.85 -21.92 14.67
N PRO C 37 -18.83 -22.72 14.23
CA PRO C 37 -18.69 -23.25 12.87
C PRO C 37 -18.80 -22.18 11.79
N LEU C 38 -18.28 -22.50 10.61
CA LEU C 38 -18.41 -21.67 9.43
C LEU C 38 -19.17 -22.46 8.36
N GLN C 39 -20.24 -21.87 7.85
CA GLN C 39 -21.02 -22.50 6.79
C GLN C 39 -20.14 -23.01 5.67
N GLN C 40 -20.32 -24.27 5.30
CA GLN C 40 -19.54 -24.84 4.18
C GLN C 40 -19.95 -24.17 2.86
N ASN C 41 -18.97 -23.87 2.01
CA ASN C 41 -19.21 -23.46 0.63
C ASN C 41 -20.20 -22.31 0.57
N PHE C 42 -19.91 -21.28 1.38
CA PHE C 42 -20.76 -20.10 1.52
C PHE C 42 -20.95 -19.43 0.16
N GLN C 43 -22.20 -19.11 -0.14
CA GLN C 43 -22.61 -18.55 -1.44
C GLN C 43 -23.00 -17.10 -1.22
N ASP C 44 -22.08 -16.18 -1.50
CA ASP C 44 -22.31 -14.77 -1.18
C ASP C 44 -23.51 -14.24 -1.96
N ASN C 45 -23.61 -14.79 -3.16
CA ASN C 45 -24.69 -14.57 -4.09
C ASN C 45 -26.09 -14.66 -3.45
N GLN C 46 -26.33 -15.75 -2.71
CA GLN C 46 -27.67 -16.08 -2.25
C GLN C 46 -27.95 -15.52 -0.86
N PHE C 47 -26.89 -15.12 -0.17
CA PHE C 47 -27.04 -14.51 1.14
C PHE C 47 -27.54 -13.07 1.06
N GLN C 48 -27.41 -12.48 -0.12
CA GLN C 48 -27.88 -11.12 -0.41
C GLN C 48 -29.29 -10.83 0.04
N GLY C 49 -29.56 -9.56 0.32
CA GLY C 49 -30.91 -9.08 0.49
C GLY C 49 -31.28 -8.82 1.93
N LYS C 50 -32.58 -8.72 2.18
CA LYS C 50 -33.09 -8.36 3.49
C LYS C 50 -33.22 -9.58 4.40
N TRP C 51 -32.64 -9.45 5.58
CA TRP C 51 -32.85 -10.38 6.68
C TRP C 51 -33.45 -9.66 7.86
N TYR C 52 -34.47 -10.26 8.47
CA TYR C 52 -35.01 -9.75 9.73
C TYR C 52 -34.26 -10.35 10.90
N VAL C 53 -34.04 -9.54 11.94
CA VAL C 53 -33.38 -10.02 13.15
C VAL C 53 -34.42 -10.62 14.09
N VAL C 54 -34.50 -11.95 14.03
CA VAL C 54 -35.49 -12.75 14.73
C VAL C 54 -34.96 -13.13 16.10
N GLY C 55 -33.65 -13.24 16.20
CA GLY C 55 -33.01 -13.59 17.45
C GLY C 55 -31.72 -12.84 17.61
N LEU C 56 -31.37 -12.61 18.87
CA LEU C 56 -30.22 -11.80 19.21
C LEU C 56 -29.63 -12.36 20.50
N ALA C 57 -28.33 -12.67 20.53
CA ALA C 57 -27.67 -13.19 21.73
C ALA C 57 -26.22 -12.72 21.83
N GLY C 58 -25.77 -12.44 23.05
CA GLY C 58 -24.37 -12.05 23.28
C GLY C 58 -24.04 -11.53 24.66
N ASN C 59 -22.75 -11.37 24.92
CA ASN C 59 -22.29 -11.00 26.28
C ASN C 59 -22.69 -9.58 26.69
N ALA C 60 -23.09 -8.74 25.72
CA ALA C 60 -23.62 -7.42 26.03
C ALA C 60 -25.10 -7.27 25.63
N ILE C 61 -25.76 -8.37 25.27
CA ILE C 61 -27.21 -8.38 25.06
C ILE C 61 -27.91 -8.82 26.36
N LEU C 62 -28.98 -8.12 26.70
CA LEU C 62 -29.76 -8.36 27.93
C LEU C 62 -31.27 -8.31 27.66
N ARG C 63 -31.99 -9.39 27.98
CA ARG C 63 -33.46 -9.35 27.92
C ARG C 63 -33.97 -8.26 28.90
N GLU C 64 -34.78 -7.33 28.38
CA GLU C 64 -35.36 -6.24 29.18
C GLU C 64 -36.89 -6.31 29.13
N ASP C 65 -37.49 -6.62 30.29
CA ASP C 65 -38.94 -6.69 30.44
C ASP C 65 -39.60 -5.33 30.19
N PRO C 68 -38.38 -4.07 25.90
CA PRO C 68 -38.50 -5.26 25.07
C PRO C 68 -38.12 -4.96 23.60
N GLN C 69 -36.94 -5.39 23.20
CA GLN C 69 -36.36 -5.04 21.90
C GLN C 69 -37.33 -5.24 20.71
N LYS C 70 -37.43 -4.22 19.86
CA LYS C 70 -38.22 -4.30 18.63
C LYS C 70 -37.39 -4.92 17.51
N MET C 71 -38.04 -5.67 16.63
CA MET C 71 -37.39 -6.21 15.46
C MET C 71 -36.84 -5.09 14.56
N TYR C 72 -35.64 -5.33 14.02
CA TYR C 72 -35.06 -4.45 13.00
C TYR C 72 -34.61 -5.31 11.84
N ALA C 73 -34.31 -4.67 10.70
CA ALA C 73 -33.89 -5.40 9.50
C ALA C 73 -32.46 -5.02 9.15
N THR C 74 -31.76 -5.92 8.48
CA THR C 74 -30.41 -5.71 7.97
C THR C 74 -30.35 -6.20 6.52
N ILE C 75 -29.86 -5.35 5.63
CA ILE C 75 -29.88 -5.63 4.19
C ILE C 75 -28.45 -5.78 3.73
N TYR C 76 -28.16 -6.93 3.10
CA TYR C 76 -26.83 -7.23 2.58
C TYR C 76 -26.80 -7.07 1.07
N GLU C 77 -26.04 -6.07 0.63
CA GLU C 77 -26.02 -5.70 -0.77
C GLU C 77 -24.68 -6.12 -1.37
N LEU C 78 -24.69 -7.15 -2.21
CA LEU C 78 -23.45 -7.63 -2.78
C LEU C 78 -22.99 -6.63 -3.84
N LYS C 79 -21.73 -6.18 -3.73
CA LYS C 79 -21.18 -5.18 -4.66
C LYS C 79 -20.30 -5.83 -5.75
N GLU C 80 -19.83 -5.01 -6.69
CA GLU C 80 -18.82 -5.46 -7.65
C GLU C 80 -17.61 -6.00 -6.90
N ASP C 81 -17.11 -5.23 -5.93
CA ASP C 81 -16.12 -5.69 -4.92
C ASP C 81 -16.21 -7.17 -4.56
N LYS C 82 -17.43 -7.62 -4.34
CA LYS C 82 -17.77 -8.85 -3.60
C LYS C 82 -17.78 -8.54 -2.11
N SER C 83 -17.89 -7.25 -1.80
CA SER C 83 -18.12 -6.75 -0.47
C SER C 83 -19.61 -6.56 -0.34
N TYR C 84 -20.07 -6.58 0.92
CA TYR C 84 -21.43 -6.23 1.24
C TYR C 84 -21.51 -4.81 1.78
N ASN C 85 -22.45 -4.05 1.22
CA ASN C 85 -22.87 -2.82 1.85
C ASN C 85 -24.03 -3.23 2.73
N VAL C 86 -23.86 -3.02 4.03
CA VAL C 86 -24.79 -3.50 5.02
C VAL C 86 -25.57 -2.32 5.60
N THR C 87 -26.90 -2.36 5.45
CA THR C 87 -27.76 -1.28 5.97
C THR C 87 -28.70 -1.86 7.03
N SER C 88 -28.68 -1.32 8.23
CA SER C 88 -29.66 -1.71 9.22
C SER C 88 -30.76 -0.65 9.31
N VAL C 89 -32.01 -1.11 9.41
CA VAL C 89 -33.16 -0.23 9.53
C VAL C 89 -33.83 -0.50 10.87
N LEU C 90 -33.90 0.53 11.71
CA LEU C 90 -34.48 0.47 13.05
C LEU C 90 -35.62 1.50 13.14
N PHE C 91 -36.67 1.21 13.93
CA PHE C 91 -37.69 2.20 14.26
C PHE C 91 -37.42 2.65 15.68
N ARG C 92 -37.11 3.93 15.85
CA ARG C 92 -36.72 4.48 17.16
C ARG C 92 -37.04 5.97 17.22
N LYS C 93 -37.58 6.40 18.36
CA LYS C 93 -38.04 7.78 18.56
C LYS C 93 -39.01 8.24 17.45
N LYS C 94 -39.91 7.33 17.04
CA LYS C 94 -40.98 7.67 16.08
C LYS C 94 -40.46 7.85 14.64
N LYS C 95 -39.20 7.48 14.38
CA LYS C 95 -38.57 7.66 13.08
C LYS C 95 -37.90 6.39 12.60
N CYS C 96 -37.58 6.32 11.31
CA CYS C 96 -36.76 5.22 10.77
C CYS C 96 -35.26 5.58 10.82
N ASP C 97 -34.47 4.83 11.59
CA ASP C 97 -33.01 5.04 11.67
C ASP C 97 -32.27 4.07 10.76
N TYR C 98 -31.26 4.58 10.05
CA TYR C 98 -30.43 3.79 9.13
C TYR C 98 -28.97 3.84 9.53
N ALA C 99 -28.35 2.66 9.64
CA ALA C 99 -26.92 2.55 9.99
C ALA C 99 -26.21 1.78 8.87
N ILE C 100 -25.14 2.36 8.33
CA ILE C 100 -24.41 1.76 7.23
C ILE C 100 -23.07 1.18 7.71
N ALA C 101 -22.75 -0.04 7.31
CA ALA C 101 -21.42 -0.58 7.48
C ALA C 101 -21.02 -1.31 6.20
N THR C 102 -19.74 -1.63 6.06
CA THR C 102 -19.27 -2.46 4.94
C THR C 102 -18.54 -3.70 5.47
N PHE C 103 -18.93 -4.88 5.00
CA PHE C 103 -18.30 -6.11 5.38
C PHE C 103 -17.41 -6.57 4.22
N VAL C 104 -16.09 -6.63 4.47
CA VAL C 104 -15.13 -7.06 3.48
C VAL C 104 -14.83 -8.56 3.63
N PRO C 105 -14.81 -9.33 2.52
CA PRO C 105 -14.49 -10.76 2.58
C PRO C 105 -13.14 -11.03 3.24
N GLY C 106 -13.13 -12.00 4.16
CA GLY C 106 -11.93 -12.37 4.86
C GLY C 106 -11.20 -13.55 4.24
N SER C 107 -10.53 -14.30 5.10
CA SER C 107 -9.69 -15.42 4.72
C SER C 107 -10.47 -16.49 3.98
N GLN C 108 -11.64 -16.86 4.52
CA GLN C 108 -12.46 -17.94 3.98
C GLN C 108 -13.83 -17.42 3.56
N PRO C 109 -14.47 -18.04 2.55
CA PRO C 109 -15.79 -17.57 2.19
C PRO C 109 -16.76 -17.69 3.41
N GLY C 110 -17.55 -16.64 3.64
CA GLY C 110 -18.47 -16.59 4.79
C GLY C 110 -17.93 -15.87 6.01
N GLU C 111 -16.65 -15.46 5.94
CA GLU C 111 -16.04 -14.63 6.98
C GLU C 111 -15.86 -13.21 6.48
N PHE C 112 -16.05 -12.24 7.37
CA PHE C 112 -15.88 -10.83 6.97
C PHE C 112 -15.21 -10.00 8.04
N THR C 113 -14.63 -8.90 7.58
CA THR C 113 -14.05 -7.88 8.42
C THR C 113 -14.84 -6.60 8.15
N LEU C 114 -14.63 -5.61 9.01
CA LEU C 114 -15.32 -4.34 8.92
C LEU C 114 -14.55 -3.35 8.05
N GLY C 115 -15.19 -2.84 7.00
CA GLY C 115 -14.62 -1.78 6.17
C GLY C 115 -14.42 -0.51 6.99
N ASN C 116 -13.34 0.20 6.69
CA ASN C 116 -12.95 1.40 7.42
CA ASN C 116 -12.97 1.41 7.41
C ASN C 116 -13.00 1.23 8.94
N ILE C 117 -12.47 0.09 9.40
CA ILE C 117 -12.39 -0.20 10.83
C ILE C 117 -11.65 0.91 11.60
N LYS C 118 -10.75 1.62 10.95
CA LYS C 118 -9.92 2.64 11.61
C LYS C 118 -10.70 3.93 11.94
N SER C 119 -11.87 4.11 11.32
CA SER C 119 -12.76 5.25 11.57
C SER C 119 -13.70 5.09 12.80
N TYR C 120 -13.73 3.89 13.37
CA TYR C 120 -14.53 3.64 14.58
C TYR C 120 -13.64 3.78 15.82
N PRO C 121 -13.83 4.85 16.61
CA PRO C 121 -12.91 5.07 17.75
C PRO C 121 -12.99 3.94 18.78
N GLY C 122 -11.85 3.53 19.32
CA GLY C 122 -11.81 2.44 20.31
C GLY C 122 -11.89 1.02 19.73
N LEU C 123 -12.36 0.90 18.48
CA LEU C 123 -12.56 -0.41 17.89
C LEU C 123 -11.29 -0.91 17.24
N THR C 124 -10.67 -1.94 17.82
CA THR C 124 -9.41 -2.49 17.31
C THR C 124 -9.52 -3.90 16.67
N SER C 125 -10.59 -4.63 16.93
CA SER C 125 -10.82 -5.93 16.26
C SER C 125 -12.28 -6.09 15.95
N PHE C 126 -12.56 -6.72 14.81
CA PHE C 126 -13.94 -7.00 14.40
C PHE C 126 -13.91 -8.15 13.44
N LEU C 127 -14.83 -9.08 13.64
CA LEU C 127 -14.90 -10.25 12.82
C LEU C 127 -16.35 -10.72 12.69
N VAL C 128 -16.71 -11.18 11.50
CA VAL C 128 -18.02 -11.74 11.24
C VAL C 128 -17.84 -13.13 10.66
N ARG C 129 -18.62 -14.10 11.13
CA ARG C 129 -18.57 -15.45 10.58
C ARG C 129 -19.98 -16.00 10.48
N VAL C 130 -20.40 -16.34 9.27
CA VAL C 130 -21.69 -16.92 9.02
C VAL C 130 -21.62 -18.34 9.50
N VAL C 131 -22.38 -18.65 10.53
CA VAL C 131 -22.28 -19.96 11.15
C VAL C 131 -23.02 -21.02 10.32
N SER C 132 -24.21 -20.66 9.86
CA SER C 132 -25.15 -21.60 9.28
C SER C 132 -26.25 -20.86 8.51
N THR C 133 -26.54 -21.30 7.29
CA THR C 133 -27.63 -20.72 6.52
C THR C 133 -28.16 -21.68 5.47
N ASN C 134 -29.47 -21.66 5.25
CA ASN C 134 -30.05 -22.23 4.01
C ASN C 134 -30.47 -21.14 3.01
N TYR C 135 -29.99 -19.90 3.22
CA TYR C 135 -30.08 -18.77 2.26
C TYR C 135 -31.48 -18.16 2.02
N ASN C 136 -32.51 -19.00 2.01
CA ASN C 136 -33.85 -18.54 1.67
C ASN C 136 -34.88 -18.59 2.81
N GLN C 137 -34.47 -19.03 4.00
CA GLN C 137 -35.33 -18.94 5.18
C GLN C 137 -34.61 -18.29 6.38
N HIS C 138 -33.45 -18.85 6.73
CA HIS C 138 -32.78 -18.53 7.99
C HIS C 138 -31.28 -18.52 7.87
N ALA C 139 -30.67 -17.85 8.84
CA ALA C 139 -29.22 -17.73 8.94
C ALA C 139 -28.85 -17.47 10.40
N MET C 140 -27.68 -17.97 10.80
CA MET C 140 -27.07 -17.61 12.07
C MET C 140 -25.72 -16.99 11.80
N VAL C 141 -25.51 -15.78 12.30
CA VAL C 141 -24.25 -15.06 12.09
C VAL C 141 -23.59 -14.68 13.40
N PHE C 142 -22.28 -14.95 13.51
CA PHE C 142 -21.49 -14.68 14.70
C PHE C 142 -20.64 -13.45 14.48
N PHE C 143 -20.63 -12.54 15.44
CA PHE C 143 -19.80 -11.35 15.41
C PHE C 143 -18.96 -11.28 16.69
N LYS C 144 -17.69 -10.89 16.53
CA LYS C 144 -16.75 -10.73 17.64
C LYS C 144 -15.99 -9.43 17.43
N LYS C 145 -15.87 -8.63 18.49
CA LYS C 145 -15.08 -7.41 18.43
C LYS C 145 -14.33 -7.12 19.74
N VAL C 146 -13.24 -6.35 19.62
CA VAL C 146 -12.55 -5.80 20.76
C VAL C 146 -12.66 -4.30 20.65
N SER C 147 -13.26 -3.71 21.68
CA SER C 147 -13.61 -2.31 21.68
C SER C 147 -13.22 -1.75 23.04
N GLN C 148 -12.29 -0.80 23.08
CA GLN C 148 -11.70 -0.30 24.34
C GLN C 148 -11.18 -1.46 25.17
N ASN C 149 -10.49 -2.38 24.50
CA ASN C 149 -9.90 -3.57 25.11
C ASN C 149 -10.89 -4.60 25.69
N ARG C 150 -12.19 -4.42 25.50
CA ARG C 150 -13.17 -5.38 25.98
C ARG C 150 -13.58 -6.29 24.82
N GLU C 151 -13.73 -7.58 25.12
CA GLU C 151 -14.06 -8.52 24.08
C GLU C 151 -15.55 -8.84 24.08
N TYR C 152 -16.24 -8.44 23.02
CA TYR C 152 -17.67 -8.65 22.89
C TYR C 152 -17.95 -9.67 21.82
N PHE C 153 -18.97 -10.49 22.04
CA PHE C 153 -19.48 -11.36 20.98
C PHE C 153 -20.99 -11.34 20.91
N LYS C 154 -21.51 -11.77 19.75
CA LYS C 154 -22.94 -11.72 19.44
C LYS C 154 -23.31 -12.77 18.39
N ILE C 155 -24.45 -13.43 18.59
CA ILE C 155 -25.03 -14.25 17.55
C ILE C 155 -26.39 -13.68 17.18
N THR C 156 -26.59 -13.48 15.88
CA THR C 156 -27.88 -13.04 15.36
C THR C 156 -28.53 -14.20 14.62
N LEU C 157 -29.82 -14.41 14.90
CA LEU C 157 -30.67 -15.31 14.11
C LEU C 157 -31.45 -14.45 13.12
N TYR C 158 -31.15 -14.67 11.85
CA TYR C 158 -31.74 -13.93 10.76
C TYR C 158 -32.82 -14.80 10.13
N GLY C 159 -33.91 -14.16 9.69
CA GLY C 159 -34.98 -14.83 8.95
C GLY C 159 -35.35 -14.03 7.71
N ARG C 160 -35.67 -14.72 6.62
CA ARG C 160 -36.19 -14.01 5.44
C ARG C 160 -37.57 -13.41 5.71
N THR C 161 -38.32 -14.01 6.64
CA THR C 161 -39.56 -13.45 7.22
C THR C 161 -39.39 -13.11 8.73
N LYS C 162 -40.41 -12.47 9.29
CA LYS C 162 -40.40 -12.01 10.69
C LYS C 162 -40.72 -13.10 11.71
N GLU C 163 -41.07 -14.29 11.25
CA GLU C 163 -41.25 -15.45 12.13
C GLU C 163 -40.33 -16.57 11.65
N LEU C 164 -39.92 -17.44 12.58
CA LEU C 164 -39.26 -18.70 12.22
C LEU C 164 -39.85 -19.77 13.14
N THR C 165 -39.65 -21.04 12.77
CA THR C 165 -40.18 -22.13 13.57
C THR C 165 -39.60 -22.14 14.99
N SER C 166 -40.33 -22.78 15.91
CA SER C 166 -39.83 -23.05 17.26
C SER C 166 -38.53 -23.85 17.18
N GLU C 167 -38.47 -24.81 16.27
CA GLU C 167 -37.28 -25.66 16.05
C GLU C 167 -36.00 -24.83 15.74
N LEU C 168 -36.14 -23.78 14.94
CA LEU C 168 -35.00 -22.92 14.61
C LEU C 168 -34.62 -22.01 15.80
N LYS C 169 -35.64 -21.41 16.43
CA LYS C 169 -35.48 -20.71 17.69
C LYS C 169 -34.70 -21.58 18.70
N GLU C 170 -35.15 -22.82 18.94
CA GLU C 170 -34.48 -23.73 19.89
C GLU C 170 -33.03 -23.99 19.51
N ASN C 171 -32.80 -24.25 18.23
CA ASN C 171 -31.46 -24.52 17.72
C ASN C 171 -30.53 -23.33 17.98
N PHE C 172 -31.10 -22.13 17.93
CA PHE C 172 -30.39 -20.89 18.21
C PHE C 172 -30.11 -20.74 19.71
N ILE C 173 -31.06 -21.15 20.54
CA ILE C 173 -30.85 -21.11 21.99
C ILE C 173 -29.74 -22.09 22.38
N ARG C 174 -29.84 -23.33 21.89
CA ARG C 174 -28.82 -24.34 22.19
C ARG C 174 -27.43 -23.88 21.78
N PHE C 175 -27.32 -23.32 20.58
CA PHE C 175 -26.02 -22.82 20.07
C PHE C 175 -25.50 -21.65 20.89
N SER C 176 -26.39 -20.72 21.24
CA SER C 176 -26.01 -19.60 22.12
C SER C 176 -25.48 -20.10 23.46
N LYS C 177 -26.22 -21.04 24.06
CA LYS C 177 -25.82 -21.59 25.34
C LYS C 177 -24.50 -22.37 25.24
N SER C 178 -24.26 -23.00 24.09
CA SER C 178 -23.02 -23.77 23.88
C SER C 178 -21.80 -22.83 23.88
N LEU C 179 -22.03 -21.57 23.50
CA LEU C 179 -21.00 -20.55 23.59
C LEU C 179 -21.00 -19.86 24.95
N GLY C 180 -21.66 -20.45 25.94
CA GLY C 180 -21.62 -19.95 27.33
C GLY C 180 -22.66 -18.90 27.73
N LEU C 181 -23.58 -18.53 26.83
CA LEU C 181 -24.55 -17.47 27.15
C LEU C 181 -25.76 -18.04 27.89
N PRO C 182 -26.14 -17.44 29.03
CA PRO C 182 -27.39 -17.85 29.65
C PRO C 182 -28.60 -17.19 28.98
N GLU C 183 -29.79 -17.65 29.38
CA GLU C 183 -31.04 -17.32 28.73
C GLU C 183 -31.41 -15.83 28.76
N ASN C 184 -31.02 -15.13 29.82
CA ASN C 184 -31.26 -13.68 29.90
C ASN C 184 -30.30 -12.86 29.02
N HIS C 185 -29.37 -13.54 28.36
CA HIS C 185 -28.53 -12.90 27.33
C HIS C 185 -29.01 -13.25 25.94
N ILE C 186 -30.21 -13.83 25.85
CA ILE C 186 -30.82 -14.27 24.61
C ILE C 186 -32.16 -13.56 24.48
N VAL C 187 -32.35 -12.80 23.40
CA VAL C 187 -33.52 -11.94 23.19
C VAL C 187 -34.15 -12.31 21.85
N PHE C 188 -35.48 -12.24 21.78
CA PHE C 188 -36.27 -12.49 20.56
C PHE C 188 -37.07 -11.22 20.25
N PRO C 189 -36.54 -10.37 19.38
CA PRO C 189 -37.20 -9.11 19.09
C PRO C 189 -38.66 -9.26 18.62
N VAL C 190 -39.52 -8.37 19.12
CA VAL C 190 -40.94 -8.31 18.79
C VAL C 190 -41.11 -7.85 17.35
N PRO C 191 -41.83 -8.62 16.52
CA PRO C 191 -42.08 -8.13 15.15
C PRO C 191 -42.85 -6.82 15.13
N ILE C 192 -42.49 -5.93 14.21
CA ILE C 192 -43.19 -4.66 14.00
C ILE C 192 -43.34 -4.45 12.51
N ASP C 193 -44.06 -3.40 12.12
CA ASP C 193 -44.28 -3.10 10.70
C ASP C 193 -43.68 -1.78 10.20
N GLN C 194 -43.41 -0.85 11.11
CA GLN C 194 -42.81 0.43 10.75
C GLN C 194 -41.36 0.23 10.27
N CYS C 195 -41.01 0.85 9.15
CA CYS C 195 -39.61 0.95 8.65
C CYS C 195 -38.98 -0.30 8.03
N ILE C 196 -39.28 -1.48 8.54
CA ILE C 196 -38.53 -2.69 8.17
C ILE C 196 -39.13 -3.47 6.99
N ASP C 197 -40.18 -2.92 6.35
CA ASP C 197 -40.99 -3.64 5.34
C ASP C 197 -41.00 -2.94 3.97
#